data_5VPQ
#
_entry.id   5VPQ
#
_cell.length_a   94.700
_cell.length_b   165.610
_cell.length_c   73.920
_cell.angle_alpha   90.000
_cell.angle_beta   90.000
_cell.angle_gamma   90.000
#
_symmetry.space_group_name_H-M   'C 2 2 21'
#
loop_
_entity.id
_entity.type
_entity.pdbx_description
1 polymer Beta-lactamase
2 non-polymer 1,2-ETHANEDIOL
3 non-polymer 'PHOSPHATE ION'
4 water water
#
_entity_poly.entity_id   1
_entity_poly.type   'polypeptide(L)'
_entity_poly.pdbx_seq_one_letter_code
;MAHHHHHHMIGVRAQPASSVSINLAARERFEQLEASSGGRLGVAALRTADGSYVGYRESERFPMCSTFKLLAVALILKRS
MAERGLLEERIRYGDAQVVAHSPVTKRHAGGEGMTVGELSAAALQHSDNTAANLLLTSLGGPEVLNQFALSIGDTWFDLV
RNEPEVNASVPGDMRDTTSPRAMLLDVQKLLLADDVLGAREREQLKAWMLGNTTGATRIRAAVPAAGWLVADNTGSGDYG
TANDVAVVYPPSSAPLVVAIYFTGVTPKETPPQDAIVDEAARIVFDALR
;
_entity_poly.pdbx_strand_id   A,B
#
loop_
_chem_comp.id
_chem_comp.type
_chem_comp.name
_chem_comp.formula
EDO non-polymer 1,2-ETHANEDIOL 'C2 H6 O2'
PO4 non-polymer 'PHOSPHATE ION' 'O4 P -3'
#
# COMPACT_ATOMS: atom_id res chain seq x y z
N ARG A 13 -30.83 3.24 -14.92
CA ARG A 13 -30.56 2.81 -16.29
C ARG A 13 -30.67 1.30 -16.45
N ALA A 14 -30.79 0.85 -17.69
CA ALA A 14 -30.91 -0.57 -17.96
C ALA A 14 -29.55 -1.24 -17.95
N GLN A 15 -29.56 -2.56 -17.76
CA GLN A 15 -28.34 -3.35 -17.79
C GLN A 15 -28.70 -4.67 -18.45
N PRO A 16 -27.71 -5.37 -18.98
N PRO A 16 -27.72 -5.38 -19.00
CA PRO A 16 -27.97 -6.70 -19.54
CA PRO A 16 -28.02 -6.70 -19.56
C PRO A 16 -28.37 -7.69 -18.46
C PRO A 16 -28.38 -7.68 -18.45
N ALA A 17 -29.13 -8.72 -18.85
CA ALA A 17 -29.52 -9.74 -17.87
C ALA A 17 -28.30 -10.31 -17.14
N SER A 18 -27.19 -10.53 -17.84
CA SER A 18 -26.00 -11.08 -17.20
C SER A 18 -25.52 -10.22 -16.04
N SER A 19 -25.72 -8.90 -16.13
CA SER A 19 -25.23 -7.98 -15.12
C SER A 19 -25.94 -8.20 -13.80
N VAL A 20 -27.23 -8.51 -13.83
CA VAL A 20 -27.96 -8.76 -12.59
C VAL A 20 -27.35 -9.94 -11.85
N SER A 21 -27.07 -11.01 -12.58
CA SER A 21 -26.50 -12.19 -11.96
C SER A 21 -25.09 -11.92 -11.43
N ILE A 22 -24.25 -11.29 -12.25
CA ILE A 22 -22.87 -11.04 -11.85
C ILE A 22 -22.80 -10.11 -10.65
N ASN A 23 -23.72 -9.15 -10.55
CA ASN A 23 -23.72 -8.27 -9.39
C ASN A 23 -23.95 -9.05 -8.10
N LEU A 24 -24.83 -10.05 -8.14
CA LEU A 24 -25.06 -10.88 -6.96
C LEU A 24 -23.79 -11.65 -6.60
N ALA A 25 -23.09 -12.20 -7.61
CA ALA A 25 -21.86 -12.93 -7.33
C ALA A 25 -20.77 -11.99 -6.81
N ALA A 26 -20.68 -10.78 -7.38
CA ALA A 26 -19.69 -9.83 -6.88
C ALA A 26 -20.01 -9.43 -5.44
N ARG A 27 -21.29 -9.26 -5.13
CA ARG A 27 -21.70 -8.89 -3.77
CA ARG A 27 -21.67 -8.86 -3.77
C ARG A 27 -21.17 -9.88 -2.74
N GLU A 28 -21.26 -11.17 -3.03
CA GLU A 28 -20.75 -12.15 -2.08
C GLU A 28 -19.25 -11.97 -1.85
N ARG A 29 -18.51 -11.69 -2.93
CA ARG A 29 -17.07 -11.46 -2.78
C ARG A 29 -16.78 -10.19 -2.01
N PHE A 30 -17.54 -9.11 -2.27
CA PHE A 30 -17.35 -7.89 -1.50
C PHE A 30 -17.68 -8.09 -0.04
N GLU A 31 -18.76 -8.84 0.26
CA GLU A 31 -19.11 -9.09 1.65
C GLU A 31 -17.98 -9.81 2.36
N GLN A 32 -17.39 -10.83 1.72
CA GLN A 32 -16.31 -11.57 2.34
CA GLN A 32 -16.30 -11.59 2.33
C GLN A 32 -15.07 -10.71 2.52
N LEU A 33 -14.71 -9.91 1.51
CA LEU A 33 -13.58 -9.02 1.66
C LEU A 33 -13.81 -8.04 2.81
N GLU A 34 -14.99 -7.44 2.84
CA GLU A 34 -15.31 -6.51 3.93
C GLU A 34 -15.26 -7.19 5.29
N ALA A 35 -15.83 -8.39 5.41
CA ALA A 35 -15.87 -9.07 6.70
C ALA A 35 -14.47 -9.31 7.26
N SER A 36 -13.47 -9.48 6.39
CA SER A 36 -12.07 -9.70 6.76
C SER A 36 -11.35 -8.41 7.09
N SER A 37 -11.92 -7.27 6.79
CA SER A 37 -11.14 -6.05 6.63
C SER A 37 -10.99 -5.21 7.88
N GLY A 38 -11.82 -5.42 8.89
CA GLY A 38 -11.89 -4.52 10.04
C GLY A 38 -12.70 -3.27 9.81
N GLY A 39 -13.20 -3.04 8.60
CA GLY A 39 -13.89 -1.81 8.30
C GLY A 39 -15.10 -2.03 7.41
N ARG A 40 -15.40 -1.03 6.61
CA ARG A 40 -16.61 -0.93 5.81
C ARG A 40 -16.21 -0.53 4.39
N LEU A 41 -16.73 -1.26 3.40
CA LEU A 41 -16.34 -1.12 2.00
C LEU A 41 -17.53 -0.66 1.18
N GLY A 42 -17.29 0.30 0.28
CA GLY A 42 -18.29 0.78 -0.64
C GLY A 42 -17.77 0.80 -2.05
N VAL A 43 -18.57 0.26 -2.99
CA VAL A 43 -18.13 0.12 -4.38
C VAL A 43 -19.28 0.48 -5.31
N ALA A 44 -18.96 1.19 -6.39
CA ALA A 44 -19.87 1.33 -7.52
C ALA A 44 -19.01 1.25 -8.77
N ALA A 45 -19.39 0.44 -9.74
CA ALA A 45 -18.58 0.31 -10.95
C ALA A 45 -19.49 0.03 -12.13
N LEU A 46 -19.16 0.64 -13.27
CA LEU A 46 -20.00 0.65 -14.46
C LEU A 46 -19.16 0.32 -15.67
N ARG A 47 -19.65 -0.61 -16.50
CA ARG A 47 -19.08 -0.86 -17.81
C ARG A 47 -19.89 0.00 -18.78
N THR A 48 -19.29 1.07 -19.28
CA THR A 48 -20.10 2.03 -20.03
C THR A 48 -20.57 1.51 -21.38
N ALA A 49 -19.94 0.49 -21.96
CA ALA A 49 -20.39 -0.01 -23.27
C ALA A 49 -21.82 -0.56 -23.22
N ASP A 50 -22.18 -1.24 -22.13
CA ASP A 50 -23.48 -1.92 -22.08
C ASP A 50 -24.26 -1.69 -20.80
N GLY A 51 -23.76 -0.89 -19.87
CA GLY A 51 -24.48 -0.67 -18.63
C GLY A 51 -24.33 -1.74 -17.58
N SER A 52 -23.48 -2.74 -17.80
CA SER A 52 -23.24 -3.70 -16.71
C SER A 52 -22.66 -2.97 -15.49
N TYR A 53 -23.02 -3.44 -14.30
CA TYR A 53 -22.81 -2.62 -13.12
C TYR A 53 -22.70 -3.49 -11.89
N VAL A 54 -21.82 -3.09 -10.97
CA VAL A 54 -21.79 -3.72 -9.66
C VAL A 54 -21.84 -2.64 -8.60
N GLY A 55 -22.55 -2.92 -7.52
CA GLY A 55 -22.62 -1.99 -6.41
C GLY A 55 -22.59 -2.72 -5.08
N TYR A 56 -21.92 -2.12 -4.10
CA TYR A 56 -21.90 -2.68 -2.75
C TYR A 56 -21.88 -1.48 -1.79
N ARG A 57 -22.89 -1.36 -0.92
CA ARG A 57 -23.04 -0.15 -0.09
C ARG A 57 -22.94 1.12 -0.93
N GLU A 58 -23.49 1.04 -2.14
CA GLU A 58 -23.24 2.11 -3.10
CA GLU A 58 -23.30 2.10 -3.14
C GLU A 58 -23.90 3.42 -2.72
N SER A 59 -24.89 3.40 -1.83
CA SER A 59 -25.61 4.58 -1.38
C SER A 59 -25.44 4.78 0.12
N GLU A 60 -24.30 4.35 0.66
CA GLU A 60 -23.92 4.74 2.01
C GLU A 60 -22.89 5.85 1.94
N ARG A 61 -22.79 6.61 3.03
CA ARG A 61 -21.83 7.70 3.15
C ARG A 61 -20.49 7.20 3.65
N PHE A 62 -19.42 7.66 2.99
CA PHE A 62 -18.05 7.34 3.33
C PHE A 62 -17.26 8.63 3.35
N PRO A 63 -16.27 8.74 4.24
CA PRO A 63 -15.39 9.94 4.22
C PRO A 63 -14.73 10.10 2.87
N MET A 64 -14.87 11.29 2.29
CA MET A 64 -14.27 11.56 0.97
CA MET A 64 -14.28 11.48 0.97
C MET A 64 -12.77 11.69 1.03
N CYS A 65 -12.26 12.20 2.15
CA CYS A 65 -10.86 12.64 2.24
C CYS A 65 -10.62 13.57 1.04
N SER A 66 -9.45 13.53 0.41
CA SER A 66 -9.22 14.51 -0.64
C SER A 66 -9.91 14.18 -1.95
N THR A 67 -10.75 13.14 -2.04
CA THR A 67 -11.47 12.92 -3.31
C THR A 67 -12.40 14.06 -3.66
N PHE A 68 -12.70 14.99 -2.73
CA PHE A 68 -13.47 16.17 -3.11
C PHE A 68 -12.77 17.00 -4.17
N LYS A 69 -11.45 16.81 -4.33
N LYS A 69 -11.46 16.83 -4.34
CA LYS A 69 -10.65 17.62 -5.25
CA LYS A 69 -10.75 17.72 -5.25
C LYS A 69 -11.17 17.52 -6.68
C LYS A 69 -11.13 17.52 -6.70
N LEU A 70 -11.73 16.38 -7.05
CA LEU A 70 -12.28 16.23 -8.41
C LEU A 70 -13.33 17.28 -8.69
N LEU A 71 -14.26 17.49 -7.74
N LEU A 71 -14.25 17.49 -7.74
CA LEU A 71 -15.29 18.48 -7.99
CA LEU A 71 -15.31 18.48 -7.94
C LEU A 71 -14.72 19.89 -7.95
C LEU A 71 -14.74 19.88 -7.93
N ALA A 72 -13.73 20.14 -7.10
CA ALA A 72 -13.15 21.47 -7.03
C ALA A 72 -12.48 21.84 -8.35
N VAL A 73 -11.65 20.94 -8.89
CA VAL A 73 -11.00 21.23 -10.16
C VAL A 73 -12.03 21.32 -11.29
N ALA A 74 -13.04 20.44 -11.28
CA ALA A 74 -14.06 20.51 -12.31
C ALA A 74 -14.79 21.85 -12.31
N LEU A 75 -15.13 22.38 -11.12
CA LEU A 75 -15.79 23.68 -11.06
C LEU A 75 -14.90 24.78 -11.62
N ILE A 76 -13.62 24.75 -11.27
N ILE A 76 -13.61 24.76 -11.25
CA ILE A 76 -12.68 25.75 -11.80
CA ILE A 76 -12.67 25.72 -11.80
C ILE A 76 -12.58 25.60 -13.32
C ILE A 76 -12.60 25.60 -13.32
N LEU A 77 -12.50 24.37 -13.83
CA LEU A 77 -12.48 24.19 -15.29
C LEU A 77 -13.76 24.70 -15.94
N LYS A 78 -14.92 24.45 -15.30
CA LYS A 78 -16.16 24.98 -15.84
C LYS A 78 -16.12 26.51 -15.90
N ARG A 79 -15.66 27.13 -14.82
CA ARG A 79 -15.59 28.58 -14.80
C ARG A 79 -14.59 29.11 -15.82
N SER A 80 -13.51 28.37 -16.07
CA SER A 80 -12.52 28.82 -17.05
C SER A 80 -13.07 28.86 -18.47
N MET A 81 -14.19 28.19 -18.72
N MET A 81 -14.19 28.19 -18.73
CA MET A 81 -14.81 28.28 -20.04
CA MET A 81 -14.81 28.29 -20.05
C MET A 81 -15.33 29.68 -20.32
C MET A 81 -15.31 29.69 -20.32
N ALA A 82 -15.69 30.43 -19.28
CA ALA A 82 -16.12 31.81 -19.43
C ALA A 82 -15.08 32.82 -18.96
N GLU A 83 -14.31 32.49 -17.93
CA GLU A 83 -13.27 33.36 -17.38
C GLU A 83 -11.96 32.93 -18.02
N ARG A 84 -11.58 33.59 -19.12
N ARG A 84 -11.65 33.58 -19.14
CA ARG A 84 -10.56 33.02 -19.99
CA ARG A 84 -10.36 33.42 -19.77
C ARG A 84 -9.15 33.01 -19.40
C ARG A 84 -9.25 33.82 -18.80
N GLY A 85 -8.86 33.85 -18.41
N GLY A 85 -8.17 33.07 -18.82
CA GLY A 85 -7.54 33.86 -17.78
CA GLY A 85 -7.07 33.32 -17.92
C GLY A 85 -7.43 33.09 -16.47
C GLY A 85 -7.27 32.85 -16.50
N LEU A 86 -8.42 32.24 -16.16
CA LEU A 86 -8.57 31.73 -14.80
C LEU A 86 -7.46 30.77 -14.41
N LEU A 87 -7.07 29.87 -15.32
CA LEU A 87 -6.05 28.89 -14.97
C LEU A 87 -4.68 29.53 -14.81
N GLU A 88 -4.46 30.72 -15.37
CA GLU A 88 -3.19 31.40 -15.24
CA GLU A 88 -3.19 31.42 -15.26
C GLU A 88 -3.13 32.35 -14.04
N GLU A 89 -4.23 32.49 -13.30
CA GLU A 89 -4.20 33.36 -12.14
CA GLU A 89 -4.22 33.35 -12.12
C GLU A 89 -3.25 32.79 -11.10
N ARG A 90 -2.45 33.67 -10.51
CA ARG A 90 -1.43 33.25 -9.55
C ARG A 90 -1.95 33.42 -8.13
N ILE A 91 -1.75 32.39 -7.31
CA ILE A 91 -2.12 32.41 -5.89
C ILE A 91 -0.86 32.27 -5.06
N ARG A 92 -0.69 33.18 -4.11
CA ARG A 92 0.43 33.14 -3.17
C ARG A 92 -0.04 32.72 -1.78
N TYR A 93 0.86 32.09 -1.02
CA TYR A 93 0.52 31.54 0.28
C TYR A 93 1.79 31.43 1.12
N GLY A 94 1.62 31.39 2.44
CA GLY A 94 2.74 31.31 3.34
C GLY A 94 2.97 29.90 3.84
N ASP A 95 4.14 29.69 4.46
CA ASP A 95 4.46 28.38 5.02
C ASP A 95 3.38 27.90 5.99
N ALA A 96 2.76 28.83 6.73
CA ALA A 96 1.73 28.44 7.70
C ALA A 96 0.53 27.78 7.05
N GLN A 97 0.30 28.00 5.76
CA GLN A 97 -0.79 27.36 5.07
C GLN A 97 -0.42 26.02 4.46
N VAL A 98 0.86 25.67 4.47
CA VAL A 98 1.28 24.42 3.87
C VAL A 98 1.03 23.31 4.89
N VAL A 99 0.00 22.52 4.63
CA VAL A 99 -0.43 21.46 5.54
C VAL A 99 0.26 20.16 5.13
N ALA A 100 0.03 19.11 5.91
CA ALA A 100 0.67 17.83 5.64
C ALA A 100 0.31 17.32 4.26
N HIS A 101 1.25 16.58 3.68
CA HIS A 101 1.11 15.95 2.37
C HIS A 101 0.91 16.97 1.25
N SER A 102 1.89 17.86 1.13
CA SER A 102 1.89 18.95 0.17
C SER A 102 3.22 18.97 -0.57
N PRO A 103 3.50 17.92 -1.35
CA PRO A 103 4.86 17.78 -1.90
C PRO A 103 5.20 18.81 -2.98
N VAL A 104 4.22 19.42 -3.64
CA VAL A 104 4.48 20.44 -4.65
C VAL A 104 4.41 21.84 -4.07
N THR A 105 3.30 22.14 -3.40
CA THR A 105 3.09 23.50 -2.89
C THR A 105 4.15 23.88 -1.85
N LYS A 106 4.72 22.91 -1.13
CA LYS A 106 5.75 23.28 -0.16
C LYS A 106 6.97 23.91 -0.80
N ARG A 107 7.15 23.76 -2.12
CA ARG A 107 8.31 24.33 -2.81
CA ARG A 107 8.30 24.33 -2.81
C ARG A 107 8.06 25.75 -3.28
N HIS A 108 6.84 26.28 -3.15
CA HIS A 108 6.52 27.57 -3.75
C HIS A 108 5.80 28.52 -2.80
N ALA A 109 5.94 28.31 -1.50
CA ALA A 109 5.41 29.25 -0.53
C ALA A 109 6.21 30.54 -0.57
N GLY A 110 5.56 31.62 -0.13
CA GLY A 110 6.19 32.92 -0.17
C GLY A 110 5.89 33.72 -1.42
N GLY A 111 6.87 34.46 -1.93
CA GLY A 111 6.61 35.36 -3.03
C GLY A 111 6.31 34.69 -4.36
N GLU A 112 6.73 33.43 -4.55
CA GLU A 112 6.67 32.86 -5.89
C GLU A 112 5.23 32.51 -6.30
N GLY A 113 4.51 31.80 -5.43
CA GLY A 113 3.15 31.35 -5.72
C GLY A 113 3.07 30.27 -6.79
N MET A 114 1.84 29.91 -7.12
CA MET A 114 1.54 28.93 -8.17
C MET A 114 0.29 29.38 -8.90
N THR A 115 0.19 29.03 -10.18
CA THR A 115 -1.05 29.34 -10.88
C THR A 115 -2.15 28.35 -10.50
N VAL A 116 -3.39 28.75 -10.79
CA VAL A 116 -4.53 27.86 -10.56
C VAL A 116 -4.37 26.55 -11.31
N GLY A 117 -3.86 26.60 -12.54
CA GLY A 117 -3.66 25.36 -13.28
C GLY A 117 -2.57 24.49 -12.69
N GLU A 118 -1.47 25.12 -12.23
CA GLU A 118 -0.41 24.36 -11.54
C GLU A 118 -0.93 23.76 -10.24
N LEU A 119 -1.79 24.49 -9.53
CA LEU A 119 -2.37 23.95 -8.31
C LEU A 119 -3.29 22.78 -8.62
N SER A 120 -4.04 22.87 -9.72
CA SER A 120 -4.92 21.78 -10.11
C SER A 120 -4.11 20.54 -10.44
N ALA A 121 -3.01 20.70 -11.19
CA ALA A 121 -2.14 19.56 -11.46
C ALA A 121 -1.55 18.97 -10.18
N ALA A 122 -1.11 19.82 -9.25
CA ALA A 122 -0.53 19.31 -8.02
C ALA A 122 -1.57 18.55 -7.20
N ALA A 123 -2.79 19.10 -7.11
CA ALA A 123 -3.85 18.42 -6.37
C ALA A 123 -4.17 17.06 -6.99
N LEU A 124 -4.28 17.00 -8.31
CA LEU A 124 -4.73 15.76 -8.95
C LEU A 124 -3.59 14.76 -9.19
N GLN A 125 -2.34 15.18 -9.18
CA GLN A 125 -1.27 14.23 -9.51
C GLN A 125 -0.40 13.86 -8.34
N HIS A 126 -0.45 14.62 -7.26
CA HIS A 126 0.37 14.34 -6.10
C HIS A 126 -0.46 14.42 -4.84
N SER A 127 -1.79 14.44 -4.96
N SER A 127 -1.79 14.45 -4.98
CA SER A 127 -2.67 14.58 -3.80
CA SER A 127 -2.70 14.58 -3.83
C SER A 127 -2.17 15.69 -2.89
C SER A 127 -2.23 15.68 -2.90
N ASP A 128 -1.84 16.82 -3.49
CA ASP A 128 -1.27 17.90 -2.71
C ASP A 128 -2.39 18.59 -1.94
N ASN A 129 -2.34 18.42 -0.61
CA ASN A 129 -3.43 18.86 0.27
CA ASN A 129 -3.48 18.85 0.20
C ASN A 129 -3.55 20.38 0.30
N THR A 130 -2.40 21.08 0.33
CA THR A 130 -2.46 22.54 0.31
C THR A 130 -3.03 23.03 -1.01
N ALA A 131 -2.65 22.40 -2.12
CA ALA A 131 -3.23 22.77 -3.40
C ALA A 131 -4.74 22.65 -3.38
N ALA A 132 -5.25 21.53 -2.86
CA ALA A 132 -6.69 21.36 -2.73
C ALA A 132 -7.32 22.46 -1.91
N ASN A 133 -6.69 22.83 -0.78
CA ASN A 133 -7.21 23.90 0.06
C ASN A 133 -7.22 25.23 -0.68
N LEU A 134 -6.13 25.54 -1.39
CA LEU A 134 -6.06 26.84 -2.07
C LEU A 134 -7.10 26.93 -3.17
N LEU A 135 -7.34 25.83 -3.88
CA LEU A 135 -8.37 25.84 -4.91
C LEU A 135 -9.75 25.98 -4.29
N LEU A 136 -9.98 25.28 -3.17
CA LEU A 136 -11.26 25.36 -2.48
C LEU A 136 -11.54 26.79 -2.03
N THR A 137 -10.54 27.47 -1.48
CA THR A 137 -10.73 28.87 -1.12
C THR A 137 -11.00 29.71 -2.36
N SER A 138 -10.26 29.46 -3.42
CA SER A 138 -10.39 30.30 -4.61
CA SER A 138 -10.38 30.28 -4.62
C SER A 138 -11.80 30.21 -5.19
N LEU A 139 -12.41 29.02 -5.14
CA LEU A 139 -13.73 28.86 -5.72
C LEU A 139 -14.84 29.36 -4.82
N GLY A 140 -14.57 29.58 -3.53
CA GLY A 140 -15.57 30.10 -2.63
C GLY A 140 -15.87 29.22 -1.43
N GLY A 141 -15.17 28.10 -1.24
CA GLY A 141 -15.33 27.31 -0.05
C GLY A 141 -16.28 26.13 -0.19
N PRO A 142 -16.40 25.35 0.89
CA PRO A 142 -17.17 24.09 0.82
C PRO A 142 -18.62 24.26 0.42
N GLU A 143 -19.30 25.29 0.91
CA GLU A 143 -20.71 25.48 0.58
C GLU A 143 -20.89 25.73 -0.92
N VAL A 144 -20.00 26.52 -1.52
CA VAL A 144 -20.06 26.74 -2.96
C VAL A 144 -19.81 25.43 -3.71
N LEU A 145 -18.86 24.62 -3.21
CA LEU A 145 -18.62 23.35 -3.87
C LEU A 145 -19.82 22.41 -3.74
N ASN A 146 -20.48 22.40 -2.57
CA ASN A 146 -21.68 21.59 -2.41
C ASN A 146 -22.77 22.01 -3.38
N GLN A 147 -22.91 23.32 -3.60
CA GLN A 147 -23.89 23.81 -4.56
C GLN A 147 -23.55 23.33 -5.96
N PHE A 148 -22.27 23.31 -6.31
CA PHE A 148 -21.87 22.75 -7.60
C PHE A 148 -22.22 21.27 -7.70
N ALA A 149 -21.95 20.49 -6.65
CA ALA A 149 -22.33 19.09 -6.66
C ALA A 149 -23.82 18.94 -6.92
N LEU A 150 -24.64 19.69 -6.19
CA LEU A 150 -26.08 19.62 -6.41
C LEU A 150 -26.42 19.97 -7.85
N SER A 151 -25.72 20.95 -8.43
CA SER A 151 -26.03 21.39 -9.79
C SER A 151 -25.75 20.33 -10.84
N ILE A 152 -24.88 19.36 -10.53
CA ILE A 152 -24.62 18.27 -11.46
C ILE A 152 -25.36 17.00 -11.05
N GLY A 153 -26.32 17.10 -10.14
CA GLY A 153 -27.18 15.98 -9.82
C GLY A 153 -26.73 15.16 -8.63
N ASP A 154 -25.74 15.63 -7.89
CA ASP A 154 -25.14 14.88 -6.78
C ASP A 154 -25.73 15.42 -5.48
N THR A 155 -26.64 14.67 -4.89
CA THR A 155 -27.27 15.06 -3.64
C THR A 155 -26.60 14.47 -2.41
N TRP A 156 -25.51 13.73 -2.59
CA TRP A 156 -24.81 13.08 -1.50
C TRP A 156 -23.56 13.83 -1.07
N PHE A 157 -22.80 14.37 -2.03
CA PHE A 157 -21.56 15.08 -1.71
C PHE A 157 -21.83 16.13 -0.63
N ASP A 158 -21.05 16.09 0.45
CA ASP A 158 -21.28 17.01 1.56
C ASP A 158 -19.91 17.37 2.18
N LEU A 159 -19.29 18.40 1.63
CA LEU A 159 -18.00 18.87 2.15
C LEU A 159 -18.28 19.93 3.20
N VAL A 160 -17.57 19.84 4.31
CA VAL A 160 -17.73 20.76 5.42
C VAL A 160 -16.41 21.41 5.80
N ARG A 161 -15.33 20.65 5.83
CA ARG A 161 -14.05 21.13 6.30
C ARG A 161 -13.08 21.16 5.14
N ASN A 162 -11.82 21.52 5.41
CA ASN A 162 -10.75 21.41 4.42
C ASN A 162 -9.63 20.54 4.98
N GLU A 163 -8.49 20.47 4.26
N GLU A 163 -8.51 20.52 4.32
CA GLU A 163 -7.38 19.62 4.70
CA GLU A 163 -7.48 19.61 4.79
C GLU A 163 -6.62 20.30 5.85
C GLU A 163 -6.62 20.29 5.85
N PRO A 164 -6.14 19.54 6.84
CA PRO A 164 -6.19 18.08 6.99
C PRO A 164 -7.44 17.54 7.72
N GLU A 165 -8.29 18.42 8.24
CA GLU A 165 -9.39 17.94 9.08
C GLU A 165 -10.35 17.03 8.32
N VAL A 166 -10.54 17.26 7.02
N VAL A 166 -10.53 17.28 7.02
CA VAL A 166 -11.43 16.41 6.23
CA VAL A 166 -11.39 16.45 6.20
C VAL A 166 -11.00 14.96 6.28
C VAL A 166 -11.00 14.99 6.26
N ASN A 167 -9.72 14.70 6.49
CA ASN A 167 -9.24 13.32 6.44
C ASN A 167 -9.46 12.57 7.75
N ALA A 168 -10.05 13.21 8.77
CA ALA A 168 -10.17 12.58 10.08
C ALA A 168 -10.96 11.27 10.02
N SER A 169 -11.99 11.20 9.18
CA SER A 169 -12.67 9.93 8.90
C SER A 169 -13.20 9.24 10.17
N VAL A 170 -13.71 10.04 11.12
CA VAL A 170 -14.16 9.43 12.38
C VAL A 170 -15.34 8.51 12.09
N PRO A 171 -15.35 7.27 12.57
CA PRO A 171 -16.48 6.37 12.28
C PRO A 171 -17.79 6.96 12.79
N GLY A 172 -18.79 7.00 11.91
CA GLY A 172 -20.08 7.55 12.24
C GLY A 172 -20.26 9.02 11.92
N ASP A 173 -19.17 9.75 11.63
CA ASP A 173 -19.25 11.17 11.33
C ASP A 173 -19.71 11.31 9.89
N MET A 174 -20.83 11.96 9.66
N MET A 174 -20.84 11.97 9.67
CA MET A 174 -21.33 12.06 8.30
CA MET A 174 -21.40 12.10 8.34
C MET A 174 -20.88 13.34 7.60
C MET A 174 -20.92 13.35 7.62
N ARG A 175 -20.14 14.21 8.27
CA ARG A 175 -19.56 15.37 7.59
C ARG A 175 -18.47 14.90 6.62
N ASP A 176 -18.28 15.65 5.53
CA ASP A 176 -17.17 15.37 4.61
C ASP A 176 -17.29 14.00 3.95
N THR A 177 -18.53 13.63 3.59
CA THR A 177 -18.79 12.32 3.02
C THR A 177 -19.45 12.43 1.65
N THR A 178 -19.39 11.31 0.92
CA THR A 178 -20.21 11.11 -0.25
C THR A 178 -20.53 9.63 -0.36
N SER A 179 -21.25 9.25 -1.42
CA SER A 179 -21.49 7.82 -1.63
C SER A 179 -20.70 7.35 -2.84
N PRO A 180 -20.37 6.06 -2.91
CA PRO A 180 -19.69 5.54 -4.11
C PRO A 180 -20.48 5.78 -5.37
N ARG A 181 -21.80 5.54 -5.37
CA ARG A 181 -22.57 5.76 -6.59
C ARG A 181 -22.58 7.23 -6.98
N ALA A 182 -22.70 8.14 -6.00
CA ALA A 182 -22.73 9.57 -6.37
C ALA A 182 -21.42 9.99 -7.02
N MET A 183 -20.31 9.51 -6.51
CA MET A 183 -19.03 9.86 -7.09
C MET A 183 -18.84 9.20 -8.45
N LEU A 184 -19.26 7.94 -8.61
CA LEU A 184 -19.24 7.32 -9.94
C LEU A 184 -20.00 8.16 -10.94
N LEU A 185 -21.21 8.60 -10.56
CA LEU A 185 -22.01 9.38 -11.49
C LEU A 185 -21.34 10.70 -11.83
N ASP A 186 -20.66 11.30 -10.84
CA ASP A 186 -19.94 12.55 -11.08
C ASP A 186 -18.77 12.33 -12.04
N VAL A 187 -17.98 11.28 -11.81
CA VAL A 187 -16.84 11.00 -12.70
C VAL A 187 -17.34 10.80 -14.12
N GLN A 188 -18.42 10.03 -14.29
CA GLN A 188 -18.97 9.81 -15.61
C GLN A 188 -19.43 11.13 -16.22
N LYS A 189 -20.13 11.95 -15.45
CA LYS A 189 -20.69 13.18 -16.01
C LYS A 189 -19.61 14.20 -16.35
N LEU A 190 -18.54 14.24 -15.56
CA LEU A 190 -17.50 15.25 -15.74
C LEU A 190 -16.51 14.85 -16.84
N LEU A 191 -16.24 13.56 -16.99
CA LEU A 191 -15.25 13.13 -17.96
C LEU A 191 -15.83 12.49 -19.20
N LEU A 192 -17.01 11.89 -19.13
CA LEU A 192 -17.52 11.08 -20.25
C LEU A 192 -18.83 11.58 -20.83
N ALA A 193 -19.24 12.79 -20.49
CA ALA A 193 -20.47 13.36 -21.02
C ALA A 193 -20.20 14.82 -21.26
N ASP A 194 -21.08 15.47 -22.01
CA ASP A 194 -20.78 16.83 -22.47
C ASP A 194 -21.69 17.88 -21.84
N ASP A 195 -22.29 17.59 -20.69
CA ASP A 195 -23.29 18.46 -20.09
CA ASP A 195 -23.28 18.49 -20.12
C ASP A 195 -22.69 19.50 -19.15
N VAL A 196 -21.47 19.30 -18.65
CA VAL A 196 -20.86 20.17 -17.65
C VAL A 196 -19.60 20.85 -18.17
N LEU A 197 -18.67 20.07 -18.69
CA LEU A 197 -17.39 20.56 -19.17
C LEU A 197 -17.31 20.39 -20.68
N GLY A 198 -16.69 21.35 -21.33
CA GLY A 198 -16.44 21.25 -22.77
C GLY A 198 -15.34 20.23 -23.06
N ALA A 199 -15.17 19.97 -24.37
CA ALA A 199 -14.28 18.87 -24.75
C ALA A 199 -12.84 19.13 -24.32
N ARG A 200 -12.34 20.35 -24.50
CA ARG A 200 -10.97 20.65 -24.08
C ARG A 200 -10.82 20.53 -22.58
N GLU A 201 -11.84 20.93 -21.81
CA GLU A 201 -11.74 20.86 -20.36
C GLU A 201 -11.78 19.42 -19.87
N ARG A 202 -12.63 18.59 -20.48
CA ARG A 202 -12.66 17.17 -20.12
C ARG A 202 -11.31 16.53 -20.40
N GLU A 203 -10.72 16.88 -21.53
CA GLU A 203 -9.41 16.33 -21.89
C GLU A 203 -8.35 16.74 -20.87
N GLN A 204 -8.38 18.00 -20.43
CA GLN A 204 -7.40 18.45 -19.43
C GLN A 204 -7.59 17.74 -18.11
N LEU A 205 -8.85 17.58 -17.68
CA LEU A 205 -9.10 16.89 -16.42
C LEU A 205 -8.63 15.43 -16.51
N LYS A 206 -8.93 14.78 -17.64
CA LYS A 206 -8.48 13.42 -17.87
C LYS A 206 -6.96 13.33 -17.87
N ALA A 207 -6.29 14.25 -18.57
CA ALA A 207 -4.84 14.21 -18.62
C ALA A 207 -4.23 14.36 -17.24
N TRP A 208 -4.77 15.27 -16.42
CA TRP A 208 -4.26 15.40 -15.06
C TRP A 208 -4.44 14.10 -14.28
N MET A 209 -5.61 13.48 -14.37
CA MET A 209 -5.89 12.28 -13.60
C MET A 209 -5.11 11.07 -14.10
N LEU A 210 -4.86 10.98 -15.42
CA LEU A 210 -4.00 9.92 -15.95
C LEU A 210 -2.60 10.03 -15.38
N GLY A 211 -2.16 11.23 -15.07
CA GLY A 211 -0.83 11.43 -14.54
C GLY A 211 -0.73 11.34 -13.03
N ASN A 212 -1.78 10.89 -12.35
CA ASN A 212 -1.72 10.77 -10.90
C ASN A 212 -0.64 9.78 -10.50
N THR A 213 0.13 10.14 -9.48
CA THR A 213 1.22 9.31 -8.96
C THR A 213 0.88 8.64 -7.64
N THR A 214 -0.32 8.84 -7.08
CA THR A 214 -0.66 8.34 -5.76
C THR A 214 -1.51 7.08 -5.77
N GLY A 215 -1.77 6.52 -6.95
CA GLY A 215 -2.69 5.39 -7.07
C GLY A 215 -2.07 4.04 -7.34
N ALA A 216 -0.76 3.89 -7.17
CA ALA A 216 -0.08 2.67 -7.63
C ALA A 216 -0.46 1.43 -6.83
N THR A 217 -0.97 1.59 -5.61
CA THR A 217 -1.32 0.45 -4.76
C THR A 217 -2.80 0.18 -4.72
N ARG A 218 -3.59 0.92 -5.50
CA ARG A 218 -5.06 0.83 -5.45
C ARG A 218 -5.62 0.26 -6.76
N ILE A 219 -6.47 1.00 -7.46
CA ILE A 219 -7.06 0.46 -8.70
C ILE A 219 -6.01 0.03 -9.69
N ARG A 220 -4.95 0.86 -9.86
CA ARG A 220 -3.88 0.51 -10.82
C ARG A 220 -3.23 -0.82 -10.49
N ALA A 221 -3.15 -1.17 -9.19
CA ALA A 221 -2.49 -2.42 -8.81
C ALA A 221 -3.32 -3.64 -9.22
N ALA A 222 -4.61 -3.43 -9.49
CA ALA A 222 -5.54 -4.53 -9.79
C ALA A 222 -5.74 -4.75 -11.27
N VAL A 223 -5.17 -3.90 -12.14
CA VAL A 223 -5.47 -4.13 -13.56
C VAL A 223 -4.91 -5.50 -13.96
N PRO A 224 -5.64 -6.29 -14.77
CA PRO A 224 -5.27 -7.71 -14.94
C PRO A 224 -4.17 -7.97 -15.96
N ALA A 225 -3.82 -6.98 -16.78
CA ALA A 225 -2.84 -7.20 -17.84
C ALA A 225 -2.24 -5.86 -18.20
N ALA A 226 -1.19 -5.90 -19.03
CA ALA A 226 -0.59 -4.69 -19.56
C ALA A 226 -1.56 -4.01 -20.52
N GLY A 227 -1.31 -2.73 -20.79
CA GLY A 227 -2.09 -2.02 -21.79
C GLY A 227 -3.31 -1.27 -21.29
N TRP A 228 -3.51 -1.19 -19.98
CA TRP A 228 -4.61 -0.46 -19.39
C TRP A 228 -4.15 0.91 -18.95
N LEU A 229 -5.05 1.88 -18.97
CA LEU A 229 -4.76 3.19 -18.39
C LEU A 229 -5.81 3.49 -17.34
N VAL A 230 -5.42 4.26 -16.34
CA VAL A 230 -6.29 4.61 -15.23
C VAL A 230 -6.18 6.12 -15.00
N ALA A 231 -7.31 6.81 -15.04
CA ALA A 231 -7.38 8.22 -14.69
C ALA A 231 -8.11 8.29 -13.36
N ASP A 232 -7.37 8.53 -12.28
CA ASP A 232 -7.96 8.35 -10.96
C ASP A 232 -7.74 9.54 -10.03
N ASN A 233 -8.40 9.40 -8.88
CA ASN A 233 -8.50 10.42 -7.85
C ASN A 233 -8.53 9.65 -6.54
N THR A 234 -7.46 9.74 -5.74
CA THR A 234 -7.39 8.99 -4.49
C THR A 234 -7.71 9.87 -3.30
N GLY A 235 -8.02 9.21 -2.18
CA GLY A 235 -8.14 9.90 -0.91
C GLY A 235 -7.66 8.95 0.17
N SER A 236 -7.07 9.52 1.22
CA SER A 236 -6.56 8.73 2.33
C SER A 236 -6.85 9.42 3.64
N GLY A 237 -7.08 8.64 4.69
CA GLY A 237 -7.38 9.27 5.96
C GLY A 237 -7.08 8.34 7.11
N ASP A 238 -7.48 8.80 8.29
CA ASP A 238 -7.32 8.02 9.52
C ASP A 238 -8.31 6.85 9.50
N TYR A 239 -8.21 5.97 10.50
CA TYR A 239 -9.12 4.83 10.61
C TYR A 239 -9.07 3.94 9.38
N GLY A 240 -7.86 3.77 8.82
CA GLY A 240 -7.71 2.86 7.70
C GLY A 240 -8.24 3.34 6.37
N THR A 241 -8.59 4.62 6.26
CA THR A 241 -9.39 5.06 5.13
C THR A 241 -8.58 5.18 3.84
N ALA A 242 -9.07 4.52 2.79
CA ALA A 242 -8.39 4.51 1.49
C ALA A 242 -9.49 4.50 0.43
N ASN A 243 -9.45 5.47 -0.47
CA ASN A 243 -10.44 5.63 -1.52
C ASN A 243 -9.75 5.77 -2.88
N ASP A 244 -10.45 5.36 -3.94
CA ASP A 244 -9.92 5.57 -5.29
C ASP A 244 -11.11 5.59 -6.23
N VAL A 245 -11.21 6.66 -7.01
CA VAL A 245 -12.29 6.80 -8.00
C VAL A 245 -11.64 7.08 -9.35
N ALA A 246 -12.11 6.42 -10.39
CA ALA A 246 -11.37 6.45 -11.64
C ALA A 246 -12.25 6.23 -12.84
N VAL A 247 -11.78 6.71 -13.99
CA VAL A 247 -12.14 6.11 -15.28
C VAL A 247 -11.01 5.16 -15.64
N VAL A 248 -11.38 3.95 -16.06
CA VAL A 248 -10.40 2.94 -16.46
C VAL A 248 -10.56 2.67 -17.94
N TYR A 249 -9.44 2.61 -18.66
CA TYR A 249 -9.44 2.46 -20.12
C TYR A 249 -8.81 1.12 -20.48
N PRO A 250 -9.60 0.07 -20.65
CA PRO A 250 -9.02 -1.24 -20.96
C PRO A 250 -8.67 -1.34 -22.43
N PRO A 251 -7.85 -2.32 -22.80
CA PRO A 251 -7.48 -2.51 -24.19
C PRO A 251 -8.71 -2.76 -25.05
N SER A 252 -8.84 -1.98 -26.12
CA SER A 252 -9.87 -2.21 -27.14
C SER A 252 -11.27 -2.24 -26.55
N SER A 253 -11.56 -1.32 -25.65
CA SER A 253 -12.79 -1.36 -24.88
C SER A 253 -13.21 0.06 -24.57
N ALA A 254 -14.51 0.26 -24.50
CA ALA A 254 -15.06 1.49 -23.93
C ALA A 254 -14.70 1.56 -22.45
N PRO A 255 -14.74 2.77 -21.87
CA PRO A 255 -14.25 2.93 -20.49
C PRO A 255 -15.12 2.24 -19.44
N LEU A 256 -14.48 1.95 -18.30
CA LEU A 256 -15.18 1.59 -17.08
C LEU A 256 -15.10 2.78 -16.14
N VAL A 257 -16.08 2.93 -15.26
CA VAL A 257 -16.01 3.91 -14.19
C VAL A 257 -16.03 3.13 -12.88
N VAL A 258 -15.11 3.43 -11.97
CA VAL A 258 -14.94 2.63 -10.75
C VAL A 258 -14.79 3.59 -9.57
N ALA A 259 -15.63 3.43 -8.55
CA ALA A 259 -15.52 4.23 -7.33
C ALA A 259 -15.45 3.31 -6.14
N ILE A 260 -14.35 3.35 -5.40
CA ILE A 260 -14.16 2.49 -4.23
C ILE A 260 -13.82 3.36 -3.03
N TYR A 261 -14.59 3.19 -1.96
CA TYR A 261 -14.34 3.86 -0.68
C TYR A 261 -14.20 2.80 0.39
N PHE A 262 -13.22 2.96 1.26
CA PHE A 262 -13.04 2.02 2.35
C PHE A 262 -12.67 2.80 3.59
N THR A 263 -13.28 2.45 4.73
CA THR A 263 -13.08 3.26 5.93
C THR A 263 -13.40 2.46 7.17
N GLY A 264 -13.12 3.06 8.33
CA GLY A 264 -13.79 2.63 9.55
C GLY A 264 -13.09 1.59 10.39
N VAL A 265 -11.78 1.47 10.25
CA VAL A 265 -10.98 0.52 11.02
C VAL A 265 -10.43 1.22 12.26
N THR A 266 -10.68 0.67 13.43
CA THR A 266 -10.03 1.22 14.60
C THR A 266 -8.74 0.45 14.87
N PRO A 267 -7.71 1.09 15.43
CA PRO A 267 -7.71 2.48 15.91
C PRO A 267 -7.46 3.52 14.82
N LYS A 268 -7.52 4.78 15.25
CA LYS A 268 -7.32 5.92 14.37
C LYS A 268 -6.06 5.77 13.53
N GLU A 269 -4.98 5.24 14.12
CA GLU A 269 -3.67 5.15 13.48
CA GLU A 269 -3.69 5.19 13.44
C GLU A 269 -3.55 4.02 12.45
N THR A 270 -4.60 3.24 12.22
CA THR A 270 -4.54 2.22 11.19
C THR A 270 -4.26 2.90 9.86
N PRO A 271 -3.23 2.48 9.12
CA PRO A 271 -2.88 3.18 7.88
C PRO A 271 -3.92 2.90 6.81
N PRO A 272 -4.01 3.75 5.79
CA PRO A 272 -4.94 3.49 4.69
C PRO A 272 -4.80 2.06 4.19
N GLN A 273 -5.93 1.37 4.05
CA GLN A 273 -5.91 -0.05 3.68
C GLN A 273 -5.93 -0.23 2.16
N ASP A 274 -4.81 0.16 1.56
CA ASP A 274 -4.67 0.11 0.09
C ASP A 274 -4.93 -1.27 -0.44
N ALA A 275 -4.48 -2.32 0.27
CA ALA A 275 -4.64 -3.68 -0.24
C ALA A 275 -6.10 -4.06 -0.36
N ILE A 276 -6.96 -3.51 0.50
CA ILE A 276 -8.39 -3.79 0.40
C ILE A 276 -8.95 -3.15 -0.85
N VAL A 277 -8.54 -1.92 -1.15
CA VAL A 277 -9.03 -1.24 -2.35
C VAL A 277 -8.58 -1.98 -3.60
N ASP A 278 -7.32 -2.40 -3.62
CA ASP A 278 -6.78 -3.24 -4.69
C ASP A 278 -7.67 -4.48 -4.88
N GLU A 279 -7.93 -5.24 -3.82
CA GLU A 279 -8.73 -6.43 -4.00
C GLU A 279 -10.15 -6.10 -4.45
N ALA A 280 -10.73 -5.02 -3.92
CA ALA A 280 -12.06 -4.67 -4.38
C ALA A 280 -12.04 -4.39 -5.88
N ALA A 281 -11.00 -3.73 -6.36
CA ALA A 281 -10.90 -3.44 -7.78
C ALA A 281 -10.73 -4.72 -8.58
N ARG A 282 -9.99 -5.70 -8.05
CA ARG A 282 -9.88 -6.99 -8.72
CA ARG A 282 -9.88 -6.98 -8.73
C ARG A 282 -11.25 -7.63 -8.89
N ILE A 283 -12.09 -7.58 -7.85
CA ILE A 283 -13.44 -8.12 -7.95
C ILE A 283 -14.21 -7.37 -9.04
N VAL A 284 -14.09 -6.05 -9.05
CA VAL A 284 -14.75 -5.25 -10.09
C VAL A 284 -14.32 -5.68 -11.48
N PHE A 285 -13.01 -5.77 -11.72
CA PHE A 285 -12.55 -6.10 -13.06
C PHE A 285 -12.99 -7.50 -13.45
N ASP A 286 -13.02 -8.43 -12.49
CA ASP A 286 -13.54 -9.77 -12.80
CA ASP A 286 -13.53 -9.76 -12.83
C ASP A 286 -15.01 -9.71 -13.20
N ALA A 287 -15.80 -8.94 -12.45
CA ALA A 287 -17.24 -8.85 -12.73
C ALA A 287 -17.51 -8.18 -14.08
N LEU A 288 -16.68 -7.21 -14.47
CA LEU A 288 -16.90 -6.44 -15.68
C LEU A 288 -16.10 -6.93 -16.87
N ARG A 289 -15.44 -8.08 -16.76
CA ARG A 289 -14.60 -8.59 -17.84
C ARG A 289 -15.45 -8.92 -19.07
N VAL B 20 11.17 3.51 28.34
CA VAL B 20 11.13 4.76 27.58
C VAL B 20 12.51 5.36 27.41
N SER B 21 13.28 5.40 28.51
CA SER B 21 14.63 5.96 28.45
C SER B 21 15.53 5.15 27.54
N ILE B 22 15.44 3.81 27.61
CA ILE B 22 16.27 2.98 26.76
C ILE B 22 15.93 3.22 25.29
N ASN B 23 14.64 3.41 25.00
CA ASN B 23 14.24 3.74 23.64
C ASN B 23 14.80 5.10 23.21
N LEU B 24 14.88 6.06 24.14
CA LEU B 24 15.44 7.38 23.81
C LEU B 24 16.94 7.34 23.55
N ALA B 25 17.71 6.64 24.41
CA ALA B 25 19.16 6.57 24.23
C ALA B 25 19.52 5.81 22.96
N ALA B 26 18.76 4.76 22.66
CA ALA B 26 18.98 4.06 21.41
C ALA B 26 18.70 4.97 20.24
N ARG B 27 17.70 5.85 20.38
N ARG B 27 17.72 5.86 20.36
CA ARG B 27 17.31 6.72 19.28
CA ARG B 27 17.34 6.68 19.22
C ARG B 27 18.47 7.61 18.84
C ARG B 27 18.47 7.64 18.83
N GLU B 28 19.23 8.13 19.79
CA GLU B 28 20.38 8.96 19.45
CA GLU B 28 20.37 8.97 19.45
C GLU B 28 21.38 8.18 18.61
N ARG B 29 21.62 6.93 18.97
CA ARG B 29 22.55 6.11 18.18
C ARG B 29 21.97 5.81 16.80
N PHE B 30 20.67 5.50 16.71
CA PHE B 30 20.09 5.26 15.39
C PHE B 30 20.15 6.52 14.52
N GLU B 31 19.90 7.68 15.12
CA GLU B 31 19.97 8.93 14.35
C GLU B 31 21.37 9.16 13.81
N GLN B 32 22.38 8.86 14.63
CA GLN B 32 23.75 9.02 14.16
C GLN B 32 24.09 8.01 13.09
N LEU B 33 23.70 6.76 13.30
CA LEU B 33 23.94 5.74 12.28
C LEU B 33 23.27 6.11 10.96
N GLU B 34 22.01 6.55 11.03
CA GLU B 34 21.31 6.92 9.80
C GLU B 34 22.01 8.07 9.09
N ALA B 35 22.43 9.09 9.83
CA ALA B 35 23.09 10.22 9.18
C ALA B 35 24.37 9.80 8.46
N SER B 36 25.05 8.77 8.96
CA SER B 36 26.29 8.30 8.34
C SER B 36 26.05 7.43 7.11
N SER B 37 24.80 7.03 6.88
CA SER B 37 24.52 5.91 5.99
C SER B 37 24.19 6.32 4.57
N GLY B 38 23.75 7.55 4.34
CA GLY B 38 23.24 7.91 3.03
C GLY B 38 21.80 7.52 2.77
N GLY B 39 21.15 6.84 3.71
CA GLY B 39 19.81 6.34 3.47
C GLY B 39 18.87 6.50 4.63
N ARG B 40 17.90 5.59 4.70
CA ARG B 40 16.83 5.66 5.69
CA ARG B 40 16.78 5.63 5.65
C ARG B 40 16.76 4.32 6.39
N LEU B 41 16.74 4.36 7.72
CA LEU B 41 16.84 3.18 8.59
C LEU B 41 15.53 3.02 9.34
N GLY B 42 15.06 1.77 9.45
CA GLY B 42 13.87 1.42 10.20
C GLY B 42 14.17 0.24 11.11
N VAL B 43 13.79 0.35 12.38
CA VAL B 43 14.06 -0.70 13.36
C VAL B 43 12.84 -0.91 14.24
N ALA B 44 12.55 -2.18 14.52
CA ALA B 44 11.64 -2.49 15.61
C ALA B 44 12.22 -3.69 16.33
N ALA B 45 12.32 -3.63 17.65
CA ALA B 45 12.90 -4.74 18.39
C ALA B 45 12.25 -4.87 19.75
N LEU B 46 12.06 -6.11 20.19
CA LEU B 46 11.30 -6.43 21.39
C LEU B 46 12.06 -7.47 22.17
N ARG B 47 12.19 -7.27 23.47
CA ARG B 47 12.69 -8.25 24.43
C ARG B 47 11.47 -8.92 25.05
N THR B 48 11.25 -10.20 24.74
CA THR B 48 10.04 -10.86 25.25
C THR B 48 10.12 -11.15 26.74
N ALA B 49 11.30 -11.05 27.37
CA ALA B 49 11.37 -11.25 28.81
C ALA B 49 10.43 -10.29 29.54
N ASP B 50 10.34 -9.06 29.08
CA ASP B 50 9.52 -8.09 29.79
C ASP B 50 8.75 -7.16 28.88
N GLY B 51 8.82 -7.34 27.58
CA GLY B 51 8.14 -6.45 26.67
C GLY B 51 8.87 -5.16 26.36
N SER B 52 10.09 -4.95 26.86
CA SER B 52 10.85 -3.75 26.52
CA SER B 52 10.81 -3.73 26.51
C SER B 52 11.08 -3.67 25.01
N TYR B 53 10.96 -2.47 24.46
CA TYR B 53 10.90 -2.28 23.02
C TYR B 53 11.74 -1.09 22.62
N VAL B 54 12.40 -1.19 21.47
CA VAL B 54 13.07 -0.03 20.87
C VAL B 54 12.62 0.05 19.42
N GLY B 55 12.42 1.27 18.96
CA GLY B 55 11.96 1.50 17.59
C GLY B 55 12.68 2.67 16.97
N TYR B 56 12.75 2.65 15.65
CA TYR B 56 13.24 3.80 14.89
C TYR B 56 12.50 3.79 13.57
N ARG B 57 11.75 4.85 13.26
CA ARG B 57 10.91 4.86 12.06
C ARG B 57 10.07 3.60 11.97
N GLU B 58 9.55 3.17 13.12
CA GLU B 58 8.98 1.84 13.23
C GLU B 58 7.68 1.72 12.47
N SER B 59 7.01 2.84 12.17
CA SER B 59 5.76 2.85 11.42
C SER B 59 5.90 3.63 10.12
N GLU B 60 7.10 3.68 9.55
CA GLU B 60 7.28 4.15 8.19
C GLU B 60 7.35 2.96 7.26
N ARG B 61 7.06 3.20 5.99
CA ARG B 61 7.10 2.15 4.97
C ARG B 61 8.50 2.01 4.38
N PHE B 62 8.92 0.77 4.19
CA PHE B 62 10.19 0.37 3.61
C PHE B 62 9.95 -0.74 2.61
N PRO B 63 10.75 -0.80 1.55
CA PRO B 63 10.66 -1.95 0.62
C PRO B 63 10.91 -3.26 1.35
N MET B 64 9.98 -4.21 1.19
CA MET B 64 10.18 -5.53 1.79
CA MET B 64 10.22 -5.49 1.84
C MET B 64 11.30 -6.32 1.13
N CYS B 65 11.50 -6.10 -0.16
CA CYS B 65 12.30 -7.03 -0.95
C CYS B 65 11.78 -8.44 -0.68
N SER B 66 12.64 -9.45 -0.63
CA SER B 66 12.09 -10.79 -0.47
C SER B 66 11.65 -11.13 0.96
N THR B 67 11.64 -10.16 1.88
CA THR B 67 11.17 -10.48 3.23
C THR B 67 9.69 -10.88 3.26
N PHE B 68 8.94 -10.62 2.18
CA PHE B 68 7.57 -11.14 2.13
C PHE B 68 7.53 -12.65 2.23
N LYS B 69 8.64 -13.33 1.92
CA LYS B 69 8.60 -14.78 1.87
C LYS B 69 8.37 -15.41 3.24
N LEU B 70 8.63 -14.70 4.34
CA LEU B 70 8.28 -15.24 5.66
C LEU B 70 6.78 -15.49 5.73
N LEU B 71 5.99 -14.53 5.27
CA LEU B 71 4.55 -14.71 5.29
CA LEU B 71 4.54 -14.70 5.28
C LEU B 71 4.10 -15.78 4.31
N ALA B 72 4.75 -15.86 3.14
CA ALA B 72 4.40 -16.89 2.17
C ALA B 72 4.63 -18.29 2.74
N VAL B 73 5.81 -18.52 3.31
CA VAL B 73 6.06 -19.84 3.87
C VAL B 73 5.16 -20.11 5.07
N ALA B 74 4.90 -19.08 5.88
CA ALA B 74 4.02 -19.30 7.04
C ALA B 74 2.62 -19.71 6.59
N LEU B 75 2.10 -19.08 5.54
CA LEU B 75 0.78 -19.46 5.04
C LEU B 75 0.80 -20.89 4.50
N ILE B 76 1.86 -21.26 3.80
CA ILE B 76 1.93 -22.65 3.34
CA ILE B 76 2.02 -22.65 3.33
C ILE B 76 2.00 -23.62 4.51
N LEU B 77 2.78 -23.30 5.55
CA LEU B 77 2.81 -24.16 6.73
C LEU B 77 1.44 -24.22 7.40
N LYS B 78 0.75 -23.08 7.49
CA LYS B 78 -0.60 -23.10 8.04
C LYS B 78 -1.51 -24.00 7.21
N ARG B 79 -1.49 -23.84 5.89
CA ARG B 79 -2.29 -24.70 5.03
CA ARG B 79 -2.28 -24.69 5.01
C ARG B 79 -1.92 -26.17 5.19
N SER B 80 -0.63 -26.47 5.42
CA SER B 80 -0.21 -27.86 5.56
C SER B 80 -0.79 -28.52 6.80
N MET B 81 -1.21 -27.73 7.79
N MET B 81 -1.22 -27.75 7.80
CA MET B 81 -1.87 -28.30 8.97
CA MET B 81 -1.87 -28.37 8.95
C MET B 81 -3.19 -28.99 8.60
C MET B 81 -3.17 -29.05 8.55
N ALA B 82 -3.88 -28.49 7.57
CA ALA B 82 -5.13 -29.08 7.11
C ALA B 82 -4.96 -29.91 5.84
N GLU B 83 -4.06 -29.50 4.94
CA GLU B 83 -3.80 -30.20 3.69
C GLU B 83 -2.60 -31.11 3.94
N ARG B 84 -2.89 -32.34 4.34
CA ARG B 84 -1.82 -33.32 4.53
C ARG B 84 -1.10 -33.53 3.20
N GLY B 85 0.22 -33.52 3.24
CA GLY B 85 1.02 -33.71 2.05
C GLY B 85 1.26 -32.48 1.20
N LEU B 86 0.75 -31.31 1.60
CA LEU B 86 1.02 -30.10 0.81
C LEU B 86 2.52 -29.91 0.60
N LEU B 87 3.32 -30.12 1.64
CA LEU B 87 4.75 -29.86 1.52
C LEU B 87 5.44 -30.84 0.58
N GLU B 88 4.82 -31.97 0.30
CA GLU B 88 5.38 -32.96 -0.61
CA GLU B 88 5.37 -32.96 -0.60
C GLU B 88 4.88 -32.81 -2.03
N GLU B 89 3.95 -31.89 -2.28
CA GLU B 89 3.47 -31.66 -3.64
C GLU B 89 4.61 -31.09 -4.47
N ARG B 90 4.73 -31.57 -5.71
CA ARG B 90 5.83 -31.19 -6.58
C ARG B 90 5.36 -30.10 -7.53
N ILE B 91 6.18 -29.07 -7.69
CA ILE B 91 5.89 -27.97 -8.60
C ILE B 91 6.93 -28.02 -9.71
N ARG B 92 6.47 -28.02 -10.95
CA ARG B 92 7.35 -27.98 -12.10
C ARG B 92 7.33 -26.56 -12.65
N TYR B 93 8.48 -26.13 -13.16
CA TYR B 93 8.63 -24.77 -13.66
C TYR B 93 9.70 -24.81 -14.73
N GLY B 94 9.67 -23.84 -15.63
CA GLY B 94 10.59 -23.78 -16.73
C GLY B 94 11.71 -22.78 -16.50
N ASP B 95 12.71 -22.84 -17.38
CA ASP B 95 13.81 -21.89 -17.34
C ASP B 95 13.30 -20.46 -17.43
N ALA B 96 12.22 -20.24 -18.19
CA ALA B 96 11.67 -18.89 -18.32
C ALA B 96 11.18 -18.33 -16.98
N GLN B 97 10.92 -19.18 -15.99
CA GLN B 97 10.48 -18.73 -14.69
C GLN B 97 11.62 -18.44 -13.72
N VAL B 98 12.86 -18.78 -14.08
CA VAL B 98 13.99 -18.59 -13.18
C VAL B 98 14.50 -17.16 -13.27
N VAL B 99 14.31 -16.40 -12.20
CA VAL B 99 14.73 -15.01 -12.11
C VAL B 99 16.06 -14.90 -11.36
N ALA B 100 16.60 -13.68 -11.28
CA ALA B 100 17.89 -13.45 -10.63
C ALA B 100 17.87 -13.89 -9.16
N HIS B 101 19.05 -14.26 -8.65
CA HIS B 101 19.22 -14.65 -7.25
CA HIS B 101 19.28 -14.70 -7.27
C HIS B 101 18.44 -15.93 -6.90
N SER B 102 18.67 -17.00 -7.68
CA SER B 102 17.93 -18.27 -7.55
C SER B 102 18.91 -19.44 -7.55
N PRO B 103 19.76 -19.54 -6.51
CA PRO B 103 20.87 -20.51 -6.57
C PRO B 103 20.44 -21.98 -6.49
N VAL B 104 19.27 -22.27 -5.93
CA VAL B 104 18.77 -23.64 -5.85
C VAL B 104 17.85 -23.95 -7.01
N THR B 105 16.82 -23.13 -7.22
CA THR B 105 15.83 -23.44 -8.24
C THR B 105 16.41 -23.45 -9.64
N LYS B 106 17.49 -22.70 -9.88
CA LYS B 106 18.08 -22.73 -11.21
C LYS B 106 18.57 -24.11 -11.61
N ARG B 107 18.76 -25.02 -10.64
CA ARG B 107 19.26 -26.35 -10.89
C ARG B 107 18.16 -27.39 -11.12
N HIS B 108 16.89 -27.01 -10.99
CA HIS B 108 15.81 -27.99 -11.02
C HIS B 108 14.64 -27.58 -11.92
N ALA B 109 14.89 -26.73 -12.92
CA ALA B 109 13.83 -26.43 -13.86
C ALA B 109 13.55 -27.66 -14.73
N GLY B 110 12.30 -27.77 -15.18
CA GLY B 110 11.91 -28.89 -16.02
C GLY B 110 11.46 -30.10 -15.23
N GLY B 111 11.70 -31.28 -15.80
CA GLY B 111 11.25 -32.57 -15.31
C GLY B 111 10.53 -32.67 -13.98
N GLU B 112 11.26 -33.09 -12.95
CA GLU B 112 10.66 -33.43 -11.66
C GLU B 112 10.21 -32.21 -10.88
N GLY B 113 10.91 -31.09 -11.03
CA GLY B 113 10.56 -29.92 -10.23
C GLY B 113 11.09 -30.05 -8.81
N MET B 114 10.49 -29.28 -7.92
CA MET B 114 10.83 -29.31 -6.51
C MET B 114 9.55 -29.39 -5.70
N THR B 115 9.65 -29.98 -4.52
CA THR B 115 8.48 -30.00 -3.66
C THR B 115 8.26 -28.63 -3.03
N VAL B 116 7.04 -28.43 -2.54
CA VAL B 116 6.70 -27.20 -1.83
C VAL B 116 7.63 -27.00 -0.64
N GLY B 117 7.96 -28.09 0.06
CA GLY B 117 8.87 -27.96 1.19
C GLY B 117 10.29 -27.63 0.78
N GLU B 118 10.76 -28.23 -0.32
CA GLU B 118 12.06 -27.88 -0.85
C GLU B 118 12.11 -26.42 -1.32
N LEU B 119 11.01 -25.94 -1.90
CA LEU B 119 10.97 -24.53 -2.30
C LEU B 119 11.01 -23.61 -1.08
N SER B 120 10.31 -24.00 -0.02
CA SER B 120 10.30 -23.20 1.21
C SER B 120 11.70 -23.14 1.81
N ALA B 121 12.39 -24.28 1.84
CA ALA B 121 13.76 -24.32 2.33
C ALA B 121 14.68 -23.44 1.47
N ALA B 122 14.54 -23.52 0.15
CA ALA B 122 15.40 -22.70 -0.71
C ALA B 122 15.11 -21.22 -0.52
N ALA B 123 13.83 -20.85 -0.41
CA ALA B 123 13.48 -19.46 -0.20
C ALA B 123 14.06 -18.93 1.09
N LEU B 124 13.95 -19.70 2.17
CA LEU B 124 14.36 -19.20 3.48
C LEU B 124 15.84 -19.40 3.79
N GLN B 125 16.53 -20.31 3.09
CA GLN B 125 17.92 -20.57 3.42
C GLN B 125 18.90 -20.05 2.40
N HIS B 126 18.43 -19.71 1.20
CA HIS B 126 19.28 -19.19 0.16
C HIS B 126 18.68 -17.97 -0.49
N SER B 127 17.64 -17.39 0.11
N SER B 127 17.60 -17.43 0.09
CA SER B 127 16.96 -16.24 -0.47
CA SER B 127 16.93 -16.25 -0.43
C SER B 127 16.68 -16.46 -1.95
C SER B 127 16.55 -16.42 -1.89
N ASP B 128 16.20 -17.66 -2.26
CA ASP B 128 15.99 -18.03 -3.65
C ASP B 128 14.74 -17.32 -4.16
N ASN B 129 14.93 -16.39 -5.08
N ASN B 129 14.96 -16.36 -5.07
CA ASN B 129 13.85 -15.51 -5.51
CA ASN B 129 13.88 -15.51 -5.55
C ASN B 129 12.83 -16.22 -6.41
C ASN B 129 12.83 -16.30 -6.31
N THR B 130 13.27 -17.21 -7.20
CA THR B 130 12.31 -18.00 -7.96
C THR B 130 11.49 -18.86 -7.03
N ALA B 131 12.12 -19.45 -6.00
CA ALA B 131 11.36 -20.20 -5.00
C ALA B 131 10.29 -19.34 -4.36
N ALA B 132 10.64 -18.12 -3.96
CA ALA B 132 9.66 -17.20 -3.40
C ALA B 132 8.52 -16.94 -4.39
N ASN B 133 8.84 -16.76 -5.68
CA ASN B 133 7.81 -16.52 -6.68
C ASN B 133 6.89 -17.72 -6.82
N LEU B 134 7.47 -18.92 -6.87
CA LEU B 134 6.66 -20.12 -7.08
C LEU B 134 5.76 -20.36 -5.88
N LEU B 135 6.26 -20.12 -4.68
CA LEU B 135 5.42 -20.25 -3.50
C LEU B 135 4.31 -19.22 -3.51
N LEU B 136 4.65 -17.97 -3.88
CA LEU B 136 3.65 -16.92 -3.98
C LEU B 136 2.54 -17.31 -4.97
N THR B 137 2.91 -17.85 -6.14
CA THR B 137 1.88 -18.26 -7.07
C THR B 137 1.06 -19.41 -6.49
N SER B 138 1.74 -20.38 -5.87
N SER B 138 1.73 -20.37 -5.84
CA SER B 138 1.08 -21.57 -5.35
CA SER B 138 1.04 -21.53 -5.28
C SER B 138 0.05 -21.26 -4.29
C SER B 138 0.02 -21.13 -4.24
N LEU B 139 0.19 -20.11 -3.60
N LEU B 139 0.23 -20.01 -3.56
CA LEU B 139 -0.79 -19.75 -2.60
CA LEU B 139 -0.70 -19.54 -2.53
C LEU B 139 -1.87 -18.82 -3.11
C LEU B 139 -1.89 -18.81 -3.13
N GLY B 140 -1.75 -18.32 -4.35
CA GLY B 140 -2.78 -17.47 -4.96
C GLY B 140 -2.34 -16.07 -5.27
N GLY B 141 -1.08 -15.70 -5.09
CA GLY B 141 -0.58 -14.43 -5.53
C GLY B 141 -0.61 -13.37 -4.43
N PRO B 142 -0.14 -12.17 -4.79
CA PRO B 142 0.01 -11.11 -3.78
C PRO B 142 -1.26 -10.77 -3.04
N GLU B 143 -2.43 -10.74 -3.69
CA GLU B 143 -3.64 -10.40 -2.95
C GLU B 143 -3.95 -11.42 -1.87
N VAL B 144 -3.72 -12.71 -2.15
CA VAL B 144 -3.97 -13.73 -1.12
C VAL B 144 -2.96 -13.58 0.01
N LEU B 145 -1.70 -13.25 -0.31
CA LEU B 145 -0.76 -13.02 0.76
C LEU B 145 -1.11 -11.78 1.60
N ASN B 146 -1.61 -10.72 0.95
CA ASN B 146 -2.09 -9.56 1.71
C ASN B 146 -3.24 -9.94 2.65
N GLN B 147 -4.13 -10.81 2.18
CA GLN B 147 -5.22 -11.31 3.00
C GLN B 147 -4.68 -12.07 4.22
N PHE B 148 -3.67 -12.91 4.01
CA PHE B 148 -3.10 -13.62 5.14
C PHE B 148 -2.46 -12.67 6.13
N ALA B 149 -1.69 -11.68 5.63
CA ALA B 149 -1.06 -10.71 6.51
C ALA B 149 -2.12 -10.02 7.37
N LEU B 150 -3.19 -9.54 6.75
CA LEU B 150 -4.22 -8.88 7.54
C LEU B 150 -4.84 -9.85 8.55
N SER B 151 -5.00 -11.12 8.17
CA SER B 151 -5.63 -12.08 9.08
C SER B 151 -4.80 -12.32 10.33
N ILE B 152 -3.50 -12.03 10.30
CA ILE B 152 -2.67 -12.15 11.49
C ILE B 152 -2.41 -10.81 12.14
N GLY B 153 -3.16 -9.79 11.75
CA GLY B 153 -3.10 -8.50 12.40
C GLY B 153 -2.19 -7.48 11.74
N ASP B 154 -1.70 -7.75 10.53
CA ASP B 154 -0.73 -6.87 9.88
C ASP B 154 -1.49 -5.97 8.93
N THR B 155 -1.61 -4.70 9.33
CA THR B 155 -2.34 -3.71 8.53
C THR B 155 -1.44 -2.90 7.61
N TRP B 156 -0.13 -3.19 7.61
CA TRP B 156 0.85 -2.45 6.80
C TRP B 156 1.29 -3.20 5.55
N PHE B 157 1.50 -4.51 5.65
CA PHE B 157 2.00 -5.33 4.56
C PHE B 157 1.17 -5.09 3.31
N ASP B 158 1.85 -4.75 2.20
CA ASP B 158 1.13 -4.47 0.96
C ASP B 158 1.99 -4.94 -0.23
N LEU B 159 1.83 -6.20 -0.60
CA LEU B 159 2.56 -6.77 -1.73
C LEU B 159 1.72 -6.58 -2.99
N VAL B 160 2.39 -6.17 -4.07
CA VAL B 160 1.76 -5.93 -5.36
C VAL B 160 2.41 -6.74 -6.47
N ARG B 161 3.73 -6.84 -6.46
CA ARG B 161 4.50 -7.47 -7.53
C ARG B 161 5.16 -8.75 -7.02
N ASN B 162 5.96 -9.38 -7.87
CA ASN B 162 6.83 -10.48 -7.46
C ASN B 162 8.28 -10.16 -7.82
N GLU B 163 9.17 -11.14 -7.64
CA GLU B 163 10.56 -10.87 -7.95
C GLU B 163 10.79 -10.97 -9.45
N PRO B 164 11.71 -10.15 -10.02
CA PRO B 164 12.66 -9.26 -9.34
C PRO B 164 12.13 -7.84 -9.09
N GLU B 165 10.95 -7.50 -9.60
CA GLU B 165 10.45 -6.13 -9.50
CA GLU B 165 10.51 -6.11 -9.49
C GLU B 165 10.31 -5.68 -8.05
N VAL B 166 9.89 -6.58 -7.16
CA VAL B 166 9.77 -6.26 -5.75
C VAL B 166 11.05 -5.65 -5.19
N ASN B 167 12.21 -6.07 -5.66
CA ASN B 167 13.46 -5.59 -5.09
C ASN B 167 13.88 -4.21 -5.60
N ALA B 168 13.10 -3.59 -6.51
CA ALA B 168 13.53 -2.33 -7.12
C ALA B 168 13.75 -1.23 -6.10
N SER B 169 12.93 -1.20 -5.04
CA SER B 169 13.14 -0.34 -3.88
C SER B 169 13.24 1.14 -4.25
N VAL B 170 12.45 1.57 -5.24
CA VAL B 170 12.55 2.96 -5.69
C VAL B 170 12.04 3.88 -4.58
N PRO B 171 12.78 4.92 -4.20
CA PRO B 171 12.28 5.81 -3.15
C PRO B 171 10.94 6.42 -3.54
N GLY B 172 10.00 6.40 -2.62
CA GLY B 172 8.68 6.93 -2.85
C GLY B 172 7.67 5.91 -3.33
N ASP B 173 8.10 4.74 -3.78
CA ASP B 173 7.17 3.72 -4.27
C ASP B 173 6.56 3.02 -3.06
N MET B 174 5.24 3.06 -2.96
N MET B 174 5.24 3.05 -2.97
CA MET B 174 4.60 2.40 -1.83
CA MET B 174 4.57 2.42 -1.85
C MET B 174 4.22 0.95 -2.10
C MET B 174 4.23 0.96 -2.10
N ARG B 175 4.38 0.48 -3.33
CA ARG B 175 4.14 -0.93 -3.60
C ARG B 175 5.20 -1.78 -2.90
N ASP B 176 4.80 -2.96 -2.44
CA ASP B 176 5.74 -3.98 -1.95
C ASP B 176 6.46 -3.49 -0.70
N THR B 177 5.72 -2.82 0.19
CA THR B 177 6.30 -2.24 1.39
C THR B 177 5.60 -2.78 2.64
N THR B 178 6.29 -2.62 3.76
CA THR B 178 5.71 -2.83 5.08
C THR B 178 6.40 -1.88 6.05
N SER B 179 6.04 -1.98 7.34
CA SER B 179 6.76 -1.23 8.37
C SER B 179 7.57 -2.19 9.25
N PRO B 180 8.66 -1.73 9.87
CA PRO B 180 9.41 -2.62 10.79
C PRO B 180 8.53 -3.16 11.89
N ARG B 181 7.67 -2.34 12.49
CA ARG B 181 6.82 -2.83 13.57
C ARG B 181 5.86 -3.91 13.08
N ALA B 182 5.29 -3.73 11.89
CA ALA B 182 4.34 -4.74 11.41
C ALA B 182 5.04 -6.07 11.23
N MET B 183 6.27 -6.06 10.74
CA MET B 183 6.98 -7.32 10.56
C MET B 183 7.36 -7.93 11.90
N LEU B 184 7.78 -7.10 12.86
CA LEU B 184 8.05 -7.60 14.22
C LEU B 184 6.81 -8.29 14.80
N LEU B 185 5.64 -7.68 14.66
CA LEU B 185 4.43 -8.28 15.20
C LEU B 185 4.11 -9.59 14.51
N ASP B 186 4.37 -9.69 13.20
CA ASP B 186 4.17 -10.94 12.49
C ASP B 186 5.09 -12.03 13.01
N VAL B 187 6.36 -11.69 13.25
CA VAL B 187 7.29 -12.68 13.79
C VAL B 187 6.79 -13.19 15.13
N GLN B 188 6.32 -12.29 15.99
CA GLN B 188 5.76 -12.73 17.27
C GLN B 188 4.60 -13.68 17.07
N LYS B 189 3.69 -13.32 16.18
CA LYS B 189 2.48 -14.12 15.98
CA LYS B 189 2.48 -14.12 15.98
C LYS B 189 2.79 -15.48 15.38
N LEU B 190 3.81 -15.57 14.53
CA LEU B 190 4.07 -16.82 13.81
C LEU B 190 5.00 -17.75 14.56
N LEU B 191 5.99 -17.23 15.27
CA LEU B 191 7.00 -18.04 15.92
C LEU B 191 6.90 -18.05 17.43
N LEU B 192 6.28 -17.04 18.04
CA LEU B 192 6.29 -16.89 19.49
C LEU B 192 4.89 -16.95 20.10
N ALA B 193 3.97 -17.59 19.39
CA ALA B 193 2.60 -17.76 19.85
C ALA B 193 2.04 -18.96 19.09
N ASP B 194 0.87 -19.42 19.53
CA ASP B 194 0.31 -20.67 19.02
C ASP B 194 -1.05 -20.53 18.37
N ASP B 195 -1.41 -19.34 17.87
CA ASP B 195 -2.74 -19.18 17.27
C ASP B 195 -2.75 -19.27 15.75
N VAL B 196 -1.58 -19.27 15.11
CA VAL B 196 -1.51 -19.39 13.66
C VAL B 196 -0.88 -20.71 13.26
N LEU B 197 0.31 -20.99 13.80
CA LEU B 197 1.07 -22.18 13.48
C LEU B 197 1.16 -23.05 14.72
N GLY B 198 0.98 -24.36 14.53
CA GLY B 198 1.19 -25.33 15.58
C GLY B 198 2.66 -25.56 15.87
N ALA B 199 2.91 -26.39 16.89
CA ALA B 199 4.27 -26.55 17.38
C ALA B 199 5.19 -27.14 16.32
N ARG B 200 4.73 -28.14 15.55
CA ARG B 200 5.57 -28.72 14.51
C ARG B 200 5.89 -27.71 13.42
N GLU B 201 4.93 -26.84 13.09
CA GLU B 201 5.15 -25.84 12.05
C GLU B 201 6.11 -24.76 12.52
N ARG B 202 5.97 -24.30 13.76
CA ARG B 202 6.90 -23.32 14.30
C ARG B 202 8.30 -23.90 14.35
N GLU B 203 8.41 -25.18 14.72
CA GLU B 203 9.72 -25.81 14.77
C GLU B 203 10.34 -25.85 13.38
N GLN B 204 9.54 -26.18 12.35
CA GLN B 204 10.09 -26.25 10.99
C GLN B 204 10.47 -24.85 10.49
N LEU B 205 9.62 -23.86 10.73
CA LEU B 205 9.94 -22.52 10.28
C LEU B 205 11.18 -21.99 10.96
N LYS B 206 11.30 -22.20 12.27
CA LYS B 206 12.50 -21.83 13.01
C LYS B 206 13.72 -22.56 12.46
N ALA B 207 13.61 -23.88 12.25
CA ALA B 207 14.74 -24.63 11.73
C ALA B 207 15.22 -24.11 10.39
N TRP B 208 14.28 -23.79 9.48
CA TRP B 208 14.66 -23.24 8.19
C TRP B 208 15.38 -21.91 8.35
N MET B 209 14.84 -21.04 9.21
CA MET B 209 15.41 -19.70 9.39
C MET B 209 16.74 -19.73 10.13
N LEU B 210 16.92 -20.69 11.06
CA LEU B 210 18.22 -20.86 11.70
C LEU B 210 19.28 -21.21 10.70
N GLY B 211 18.90 -21.90 9.64
CA GLY B 211 19.80 -22.33 8.59
C GLY B 211 19.98 -21.34 7.48
N ASN B 212 19.51 -20.10 7.64
CA ASN B 212 19.68 -19.13 6.57
C ASN B 212 21.16 -18.89 6.36
N THR B 213 21.58 -18.90 5.10
CA THR B 213 22.98 -18.71 4.76
C THR B 213 23.25 -17.31 4.22
N THR B 214 22.23 -16.45 4.09
CA THR B 214 22.37 -15.14 3.47
C THR B 214 22.45 -13.99 4.46
N GLY B 215 22.41 -14.29 5.76
CA GLY B 215 22.40 -13.21 6.75
C GLY B 215 23.70 -13.04 7.51
N ALA B 216 24.82 -13.59 7.01
CA ALA B 216 26.00 -13.66 7.84
C ALA B 216 26.56 -12.29 8.20
N THR B 217 26.32 -11.26 7.38
CA THR B 217 26.90 -9.95 7.63
C THR B 217 25.88 -8.96 8.22
N ARG B 218 24.72 -9.45 8.62
CA ARG B 218 23.66 -8.60 9.13
C ARG B 218 23.43 -8.84 10.63
N ILE B 219 22.22 -9.21 11.05
CA ILE B 219 21.99 -9.39 12.49
C ILE B 219 22.96 -10.40 13.10
N ARG B 220 23.23 -11.52 12.42
CA ARG B 220 24.13 -12.54 12.96
C ARG B 220 25.50 -11.98 13.29
N ALA B 221 25.98 -11.01 12.49
CA ALA B 221 27.30 -10.43 12.72
C ALA B 221 27.35 -9.55 13.96
N ALA B 222 26.20 -9.16 14.49
CA ALA B 222 26.12 -8.22 15.61
C ALA B 222 25.97 -8.90 16.96
N VAL B 223 25.81 -10.22 17.00
CA VAL B 223 25.58 -10.80 18.32
C VAL B 223 26.81 -10.56 19.20
N PRO B 224 26.64 -10.23 20.48
CA PRO B 224 27.76 -9.72 21.28
C PRO B 224 28.66 -10.78 21.87
N ALA B 225 28.26 -12.04 21.84
CA ALA B 225 29.04 -13.07 22.51
C ALA B 225 28.75 -14.42 21.86
N ALA B 226 29.50 -15.42 22.27
CA ALA B 226 29.22 -16.77 21.80
C ALA B 226 27.91 -17.27 22.41
N GLY B 227 27.33 -18.26 21.76
CA GLY B 227 26.18 -18.94 22.31
C GLY B 227 24.84 -18.35 21.93
N TRP B 228 24.80 -17.36 21.03
CA TRP B 228 23.55 -16.79 20.57
C TRP B 228 23.17 -17.51 19.28
N LEU B 229 21.87 -17.61 19.04
CA LEU B 229 21.38 -18.15 17.78
C LEU B 229 20.45 -17.13 17.15
N VAL B 230 20.40 -17.15 15.82
CA VAL B 230 19.61 -16.20 15.05
C VAL B 230 18.82 -16.97 13.98
N ALA B 231 17.50 -16.81 13.99
CA ALA B 231 16.63 -17.37 12.96
C ALA B 231 16.10 -16.20 12.17
N ASP B 232 16.56 -16.02 10.94
CA ASP B 232 16.28 -14.75 10.25
C ASP B 232 15.79 -14.98 8.83
N ASN B 233 15.45 -13.83 8.22
CA ASN B 233 14.82 -13.69 6.92
C ASN B 233 15.40 -12.39 6.37
N THR B 234 16.20 -12.44 5.30
CA THR B 234 16.81 -11.23 4.73
C THR B 234 16.08 -10.78 3.48
N GLY B 235 16.34 -9.52 3.12
CA GLY B 235 15.92 -8.99 1.82
C GLY B 235 16.96 -8.01 1.36
N SER B 236 17.14 -7.91 0.05
CA SER B 236 18.12 -7.02 -0.53
C SER B 236 17.57 -6.43 -1.82
N GLY B 237 18.00 -5.21 -2.14
CA GLY B 237 17.48 -4.59 -3.32
C GLY B 237 18.37 -3.47 -3.81
N ASP B 238 17.85 -2.75 -4.80
CA ASP B 238 18.53 -1.57 -5.32
C ASP B 238 18.53 -0.46 -4.26
N TYR B 239 19.24 0.63 -4.54
CA TYR B 239 19.30 1.78 -3.63
C TYR B 239 19.86 1.40 -2.26
N GLY B 240 20.83 0.48 -2.25
CA GLY B 240 21.49 0.12 -1.01
C GLY B 240 20.66 -0.72 -0.06
N THR B 241 19.54 -1.26 -0.52
CA THR B 241 18.56 -1.83 0.39
C THR B 241 19.01 -3.15 0.98
N ALA B 242 18.94 -3.23 2.31
CA ALA B 242 19.35 -4.41 3.06
C ALA B 242 18.44 -4.50 4.27
N ASN B 243 17.75 -5.63 4.38
CA ASN B 243 16.80 -5.89 5.44
C ASN B 243 17.15 -7.19 6.13
N ASP B 244 16.78 -7.29 7.41
CA ASP B 244 16.93 -8.55 8.13
C ASP B 244 15.89 -8.57 9.24
N VAL B 245 15.12 -9.65 9.29
CA VAL B 245 14.05 -9.83 10.26
C VAL B 245 14.33 -11.16 10.96
N ALA B 246 14.33 -11.15 12.30
CA ALA B 246 14.83 -12.33 13.01
C ALA B 246 14.16 -12.53 14.35
N VAL B 247 14.14 -13.79 14.79
CA VAL B 247 14.11 -14.10 16.22
C VAL B 247 15.55 -14.35 16.64
N VAL B 248 15.95 -13.75 17.76
CA VAL B 248 17.29 -13.93 18.30
C VAL B 248 17.16 -14.64 19.64
N TYR B 249 18.00 -15.65 19.85
CA TYR B 249 17.92 -16.52 21.03
C TYR B 249 19.21 -16.34 21.81
N PRO B 250 19.25 -15.44 22.79
CA PRO B 250 20.47 -15.27 23.59
C PRO B 250 20.56 -16.39 24.60
N PRO B 251 21.73 -16.62 25.20
CA PRO B 251 21.86 -17.74 26.12
C PRO B 251 20.91 -17.61 27.29
N SER B 252 20.10 -18.65 27.48
CA SER B 252 19.18 -18.80 28.61
C SER B 252 18.16 -17.67 28.73
N SER B 253 17.99 -16.89 27.69
CA SER B 253 17.14 -15.72 27.69
CA SER B 253 17.11 -15.74 27.73
C SER B 253 15.84 -15.98 26.94
N ALA B 254 14.80 -15.26 27.31
CA ALA B 254 13.63 -15.28 26.45
C ALA B 254 13.99 -14.67 25.09
N PRO B 255 13.28 -15.06 24.02
CA PRO B 255 13.67 -14.59 22.69
C PRO B 255 13.55 -13.08 22.53
N LEU B 256 14.36 -12.56 21.62
CA LEU B 256 14.21 -11.21 21.12
C LEU B 256 13.65 -11.26 19.71
N VAL B 257 12.89 -10.26 19.32
CA VAL B 257 12.50 -10.09 17.92
C VAL B 257 13.15 -8.83 17.40
N VAL B 258 13.78 -8.90 16.23
CA VAL B 258 14.52 -7.77 15.68
C VAL B 258 14.16 -7.65 14.21
N ALA B 259 13.59 -6.52 13.81
CA ALA B 259 13.24 -6.27 12.41
C ALA B 259 13.94 -4.99 11.99
N ILE B 260 14.83 -5.10 10.99
CA ILE B 260 15.62 -3.97 10.52
C ILE B 260 15.45 -3.85 9.02
N TYR B 261 15.08 -2.65 8.58
CA TYR B 261 14.93 -2.31 7.17
C TYR B 261 15.84 -1.12 6.89
N PHE B 262 16.58 -1.18 5.80
CA PHE B 262 17.42 -0.07 5.41
C PHE B 262 17.34 0.13 3.91
N THR B 263 17.20 1.38 3.46
CA THR B 263 16.94 1.62 2.05
C THR B 263 17.31 3.06 1.69
N GLY B 264 17.25 3.36 0.40
CA GLY B 264 17.16 4.74 -0.03
C GLY B 264 18.48 5.45 -0.30
N VAL B 265 19.54 4.71 -0.56
CA VAL B 265 20.84 5.31 -0.88
C VAL B 265 20.90 5.44 -2.40
N THR B 266 21.10 6.67 -2.88
CA THR B 266 21.29 6.80 -4.31
C THR B 266 22.77 6.68 -4.68
N PRO B 267 23.12 6.20 -5.88
CA PRO B 267 22.21 5.84 -6.97
C PRO B 267 21.62 4.44 -6.81
N LYS B 268 20.76 4.10 -7.76
CA LYS B 268 20.07 2.81 -7.78
C LYS B 268 21.04 1.64 -7.60
N GLU B 269 22.24 1.75 -8.17
CA GLU B 269 23.17 0.64 -8.19
C GLU B 269 23.93 0.46 -6.88
N THR B 270 23.69 1.30 -5.89
CA THR B 270 24.36 1.14 -4.60
C THR B 270 24.10 -0.27 -4.07
N PRO B 271 25.14 -1.03 -3.71
N PRO B 271 25.14 -1.03 -3.73
CA PRO B 271 24.92 -2.39 -3.23
CA PRO B 271 24.94 -2.39 -3.22
C PRO B 271 24.28 -2.40 -1.86
C PRO B 271 24.27 -2.39 -1.86
N PRO B 272 23.65 -3.50 -1.47
CA PRO B 272 23.01 -3.57 -0.15
C PRO B 272 23.99 -3.22 0.96
N GLN B 273 23.55 -2.36 1.86
CA GLN B 273 24.44 -1.80 2.88
C GLN B 273 24.41 -2.66 4.16
N ASP B 274 25.01 -3.86 4.05
CA ASP B 274 24.95 -4.84 5.14
C ASP B 274 25.47 -4.28 6.45
N ALA B 275 26.56 -3.50 6.41
CA ALA B 275 27.17 -3.04 7.65
C ALA B 275 26.24 -2.15 8.44
N ILE B 276 25.33 -1.42 7.78
CA ILE B 276 24.38 -0.59 8.51
C ILE B 276 23.43 -1.46 9.31
N VAL B 277 22.98 -2.59 8.72
CA VAL B 277 22.08 -3.50 9.43
C VAL B 277 22.77 -4.10 10.64
N ASP B 278 24.03 -4.53 10.46
CA ASP B 278 24.84 -5.04 11.56
C ASP B 278 24.91 -4.01 12.68
N GLU B 279 25.31 -2.78 12.37
CA GLU B 279 25.43 -1.77 13.40
CA GLU B 279 25.44 -1.78 13.42
C GLU B 279 24.09 -1.48 14.08
N ALA B 280 23.00 -1.44 13.30
CA ALA B 280 21.70 -1.21 13.93
C ALA B 280 21.40 -2.32 14.93
N ALA B 281 21.70 -3.57 14.56
CA ALA B 281 21.47 -4.69 15.47
C ALA B 281 22.36 -4.58 16.71
N ARG B 282 23.60 -4.08 16.57
CA ARG B 282 24.43 -3.87 17.75
CA ARG B 282 24.43 -3.87 17.75
C ARG B 282 23.79 -2.85 18.69
N ILE B 283 23.22 -1.78 18.15
CA ILE B 283 22.53 -0.81 18.99
C ILE B 283 21.36 -1.47 19.72
N VAL B 284 20.59 -2.28 19.01
CA VAL B 284 19.48 -3.02 19.60
C VAL B 284 19.97 -3.90 20.75
N PHE B 285 21.00 -4.70 20.51
CA PHE B 285 21.43 -5.64 21.55
C PHE B 285 21.95 -4.90 22.77
N ASP B 286 22.63 -3.78 22.56
CA ASP B 286 23.11 -3.01 23.71
CA ASP B 286 23.11 -2.98 23.70
C ASP B 286 21.93 -2.42 24.49
N ALA B 287 20.91 -1.94 23.78
CA ALA B 287 19.76 -1.34 24.45
C ALA B 287 18.97 -2.36 25.24
N LEU B 288 18.84 -3.58 24.71
CA LEU B 288 18.00 -4.60 25.31
C LEU B 288 18.75 -5.56 26.21
N ARG B 289 20.02 -5.27 26.50
CA ARG B 289 20.81 -6.20 27.30
C ARG B 289 20.26 -6.35 28.71
C1 EDO C . 6.34 28.60 -10.00
O1 EDO C . 5.60 28.04 -8.92
C2 EDO C . 5.43 28.68 -11.22
O2 EDO C . 4.25 29.38 -10.85
C1 EDO D . -11.47 12.61 -26.84
O1 EDO D . -11.98 11.33 -26.49
C2 EDO D . -9.96 12.48 -26.96
O2 EDO D . -9.45 11.92 -25.73
C1 EDO E . -13.26 -4.52 -20.80
O1 EDO E . -14.67 -4.54 -20.96
C2 EDO E . -12.87 -5.34 -19.57
O2 EDO E . -13.71 -4.95 -18.49
C1 EDO F . -3.78 8.91 6.25
O1 EDO F . -3.04 9.56 5.22
C2 EDO F . -3.72 9.70 7.56
O2 EDO F . -4.70 10.76 7.57
P PO4 G . 4.83 18.68 4.24
O1 PO4 G . 4.37 20.11 4.39
O2 PO4 G . 4.25 18.11 2.96
O3 PO4 G . 4.34 17.88 5.41
O4 PO4 G . 6.33 18.64 4.16
P PO4 H . 0.87 -25.49 20.80
O1 PO4 H . -0.13 -24.81 21.72
O2 PO4 H . 0.56 -26.97 20.79
O3 PO4 H . 0.90 -24.94 19.39
O4 PO4 H . 2.24 -25.22 21.41
C1 EDO I . -2.43 -23.12 15.55
O1 EDO I . -2.34 -24.50 15.97
C2 EDO I . -3.85 -22.65 15.72
O2 EDO I . -4.70 -23.51 14.96
#